data_2V8X
#
_entry.id   2V8X
#
_cell.length_a   38.256
_cell.length_b   100.213
_cell.length_c   135.209
_cell.angle_alpha   90.00
_cell.angle_beta   90.00
_cell.angle_gamma   90.00
#
_symmetry.space_group_name_H-M   'P 21 21 21'
#
loop_
_entity.id
_entity.type
_entity.pdbx_description
1 polymer 'EUKARYOTIC TRANSLATION INITIATION FACTOR 4E'
2 polymer 'EUKARYOTIC TRANSLATION INITIATION FACTOR 4E-BINDING PROTEIN 1'
3 non-polymer '7-BENZYL GUANINE MONOPHOSPHATE'
4 water water
#
loop_
_entity_poly.entity_id
_entity_poly.type
_entity_poly.pdbx_seq_one_letter_code
_entity_poly.pdbx_strand_id
1 'polypeptide(L)'
;MATVEPETTPTPNPPTTEEEKTESNQEVANPEHYIKHPLQNRWALWFFKNDKSKTWQANLRLISKFDTVEDFWALYNHIQ
LSSNLMPGCDYSLFKDGIEPMWEDEKNKRGGRWLITLNKQQRRSDLDRFWLETLLCLIGESFDDYSDDVCGAVVNVRAKG
DKIAIWTTECENREAVTHIGRVYKERLGLPPKIVIGYQSHADTATKSGSTTKNRFVV
;
A,E
2 'polypeptide(L)' RIIYDRKFLMECRN B,F
#
loop_
_chem_comp.id
_chem_comp.type
_chem_comp.name
_chem_comp.formula
MGQ RNA linking '7-BENZYL GUANINE MONOPHOSPHATE' 'C17 H21 N5 O8 P 1'
#
# COMPACT_ATOMS: atom_id res chain seq x y z
N GLU A 32 -12.15 -29.49 -23.41
CA GLU A 32 -12.43 -29.16 -21.96
C GLU A 32 -12.63 -30.43 -21.12
N HIS A 33 -13.08 -31.51 -21.76
CA HIS A 33 -13.10 -32.79 -21.09
C HIS A 33 -11.70 -33.43 -20.91
N TYR A 34 -10.73 -32.99 -21.71
CA TYR A 34 -9.44 -33.73 -21.87
C TYR A 34 -8.18 -32.84 -21.96
N ILE A 35 -8.37 -31.54 -22.10
CA ILE A 35 -7.25 -30.62 -22.22
C ILE A 35 -6.84 -30.07 -20.84
N LYS A 36 -5.54 -30.03 -20.55
CA LYS A 36 -5.06 -29.47 -19.29
C LYS A 36 -5.28 -27.96 -19.22
N HIS A 37 -5.42 -27.42 -18.01
CA HIS A 37 -5.63 -25.99 -17.86
C HIS A 37 -4.27 -25.27 -17.93
N PRO A 38 -4.04 -24.48 -18.99
CA PRO A 38 -2.73 -23.84 -19.17
C PRO A 38 -2.53 -22.66 -18.23
N LEU A 39 -1.31 -22.44 -17.82
CA LEU A 39 -0.96 -21.23 -17.08
C LEU A 39 -0.45 -20.18 -18.03
N GLN A 40 -0.54 -18.93 -17.60
CA GLN A 40 0.01 -17.81 -18.34
C GLN A 40 1.51 -17.98 -18.58
N ASN A 41 2.21 -18.60 -17.64
CA ASN A 41 3.66 -18.81 -17.74
C ASN A 41 4.05 -20.27 -17.47
N ARG A 42 5.17 -20.71 -18.04
CA ARG A 42 5.87 -21.89 -17.57
C ARG A 42 6.68 -21.46 -16.30
N TRP A 43 6.67 -22.34 -15.31
CA TRP A 43 7.27 -22.02 -14.06
C TRP A 43 8.30 -23.08 -13.84
N ALA A 44 9.35 -22.75 -13.09
CA ALA A 44 10.43 -23.67 -12.74
C ALA A 44 10.60 -23.68 -11.24
N LEU A 45 10.56 -24.86 -10.61
CA LEU A 45 10.80 -24.99 -9.18
C LEU A 45 12.27 -25.39 -8.96
N TRP A 46 12.92 -24.72 -8.00
CA TRP A 46 14.34 -24.93 -7.70
C TRP A 46 14.48 -25.31 -6.24
N PHE A 47 15.54 -26.06 -5.94
CA PHE A 47 15.81 -26.42 -4.57
C PHE A 47 17.21 -25.93 -4.23
N PHE A 48 17.39 -25.36 -3.06
CA PHE A 48 18.71 -25.00 -2.56
C PHE A 48 19.05 -25.75 -1.25
N LYS A 49 20.20 -26.40 -1.22
CA LYS A 49 20.71 -26.98 0.00
C LYS A 49 22.13 -26.46 0.20
N ASN A 50 22.37 -25.90 1.36
CA ASN A 50 23.65 -25.28 1.71
C ASN A 50 24.79 -26.32 1.76
N ASP A 51 25.82 -26.09 0.95
CA ASP A 51 27.05 -26.89 0.93
C ASP A 51 28.15 -25.85 0.83
N LYS A 52 28.91 -25.72 1.91
CA LYS A 52 29.82 -24.58 2.12
C LYS A 52 31.08 -24.78 1.32
N SER A 53 31.20 -25.97 0.74
CA SER A 53 32.31 -26.27 -0.13
C SER A 53 32.00 -25.87 -1.59
N LYS A 54 30.83 -25.26 -1.82
CA LYS A 54 30.41 -24.94 -3.18
C LYS A 54 30.07 -23.45 -3.28
N THR A 55 30.08 -22.91 -4.49
CA THR A 55 29.61 -21.53 -4.69
C THR A 55 28.10 -21.49 -4.37
N TRP A 56 27.63 -20.40 -3.78
CA TRP A 56 26.18 -20.28 -3.53
C TRP A 56 25.34 -20.86 -4.74
N GLN A 57 25.69 -20.44 -5.95
CA GLN A 57 24.99 -20.79 -7.17
C GLN A 57 24.95 -22.25 -7.56
N ALA A 58 26.02 -23.00 -7.25
CA ALA A 58 26.08 -24.41 -7.57
C ALA A 58 25.17 -25.25 -6.63
N ASN A 59 24.75 -24.66 -5.52
CA ASN A 59 23.83 -25.33 -4.58
C ASN A 59 22.37 -25.21 -5.05
N LEU A 60 22.16 -24.42 -6.10
CA LEU A 60 20.82 -24.24 -6.69
C LEU A 60 20.60 -25.33 -7.70
N ARG A 61 19.59 -26.17 -7.46
CA ARG A 61 19.30 -27.21 -8.42
C ARG A 61 17.83 -27.17 -8.90
N LEU A 62 17.64 -27.29 -10.21
CA LEU A 62 16.29 -27.33 -10.84
C LEU A 62 15.54 -28.59 -10.50
N ILE A 63 14.35 -28.47 -9.93
CA ILE A 63 13.52 -29.67 -9.68
C ILE A 63 12.79 -30.03 -10.95
N SER A 64 11.92 -29.14 -11.42
CA SER A 64 11.08 -29.50 -12.51
C SER A 64 10.40 -28.24 -12.98
N LYS A 65 9.97 -28.23 -14.23
CA LYS A 65 9.15 -27.16 -14.78
C LYS A 65 7.73 -27.63 -15.11
N PHE A 66 6.78 -26.69 -15.15
CA PHE A 66 5.36 -27.02 -15.41
C PHE A 66 4.63 -25.80 -15.99
N ASP A 67 3.59 -26.03 -16.79
CA ASP A 67 2.87 -24.91 -17.38
C ASP A 67 1.37 -25.15 -17.41
N THR A 68 0.91 -26.02 -16.53
CA THR A 68 -0.52 -26.24 -16.38
C THR A 68 -0.81 -26.35 -14.89
N VAL A 69 -2.06 -26.06 -14.54
CA VAL A 69 -2.60 -26.25 -13.21
C VAL A 69 -2.37 -27.69 -12.72
N GLU A 70 -2.74 -28.65 -13.57
CA GLU A 70 -2.60 -30.07 -13.24
C GLU A 70 -1.18 -30.48 -12.92
N ASP A 71 -0.24 -30.06 -13.74
CA ASP A 71 1.19 -30.34 -13.56
C ASP A 71 1.80 -29.66 -12.35
N PHE A 72 1.21 -28.54 -11.94
CA PHE A 72 1.64 -27.86 -10.72
C PHE A 72 1.33 -28.69 -9.49
N TRP A 73 0.09 -29.18 -9.45
CA TRP A 73 -0.38 -30.02 -8.36
C TRP A 73 0.34 -31.36 -8.32
N ALA A 74 0.62 -31.94 -9.48
CA ALA A 74 1.47 -33.18 -9.52
C ALA A 74 2.86 -32.99 -8.86
N LEU A 75 3.34 -31.77 -8.86
CA LEU A 75 4.69 -31.54 -8.40
C LEU A 75 4.60 -31.20 -6.91
N TYR A 76 3.70 -30.27 -6.60
CA TYR A 76 3.51 -29.86 -5.26
C TYR A 76 3.11 -31.02 -4.34
N ASN A 77 2.29 -31.94 -4.84
CA ASN A 77 1.75 -33.02 -4.04
C ASN A 77 2.78 -34.07 -3.68
N HIS A 78 3.85 -34.18 -4.43
CA HIS A 78 4.90 -35.16 -4.16
C HIS A 78 6.16 -34.67 -3.45
N ILE A 79 6.26 -33.37 -3.19
CA ILE A 79 7.47 -32.79 -2.56
C ILE A 79 7.25 -32.45 -1.07
N GLN A 80 8.32 -32.45 -0.28
CA GLN A 80 8.24 -31.94 1.09
C GLN A 80 7.61 -30.56 1.23
N LEU A 81 6.74 -30.46 2.24
CA LEU A 81 6.36 -29.16 2.83
C LEU A 81 7.60 -28.44 3.35
N SER A 82 7.61 -27.13 3.20
CA SER A 82 8.70 -26.30 3.67
C SER A 82 9.02 -26.53 5.15
N SER A 83 7.99 -26.60 6.00
CA SER A 83 8.18 -26.87 7.42
C SER A 83 8.84 -28.20 7.69
N ASN A 84 9.00 -29.03 6.68
CA ASN A 84 9.74 -30.25 6.84
C ASN A 84 11.13 -30.34 6.28
N LEU A 85 11.58 -29.26 5.62
CA LEU A 85 12.92 -29.22 5.08
C LEU A 85 13.95 -29.04 6.20
N MET A 86 15.17 -29.56 5.99
CA MET A 86 16.30 -29.25 6.88
C MET A 86 16.54 -27.73 6.93
N PRO A 87 17.06 -27.22 8.07
CA PRO A 87 17.36 -25.78 8.02
C PRO A 87 18.47 -25.50 6.99
N GLY A 88 18.40 -24.35 6.35
CA GLY A 88 19.36 -24.01 5.31
C GLY A 88 18.93 -24.34 3.89
N CYS A 89 17.73 -24.89 3.72
CA CYS A 89 17.15 -25.15 2.38
C CYS A 89 16.20 -24.06 1.90
N ASP A 90 16.12 -23.87 0.58
CA ASP A 90 15.16 -22.96 -0.02
C ASP A 90 14.30 -23.73 -1.04
N TYR A 91 13.07 -23.29 -1.20
CA TYR A 91 12.37 -23.51 -2.46
C TYR A 91 12.28 -22.19 -3.22
N SER A 92 12.43 -22.21 -4.54
CA SER A 92 12.25 -21.06 -5.38
C SER A 92 11.38 -21.44 -6.57
N LEU A 93 10.32 -20.68 -6.83
CA LEU A 93 9.54 -20.81 -8.03
C LEU A 93 9.66 -19.54 -8.85
N PHE A 94 10.25 -19.67 -10.03
CA PHE A 94 10.48 -18.55 -10.94
C PHE A 94 9.96 -18.88 -12.32
N LYS A 95 9.57 -17.82 -13.06
CA LYS A 95 9.26 -17.94 -14.47
C LYS A 95 10.43 -18.53 -15.22
N ASP A 96 10.17 -19.57 -16.00
CA ASP A 96 11.18 -20.21 -16.83
C ASP A 96 11.90 -19.08 -17.60
N GLY A 97 13.23 -19.19 -17.70
CA GLY A 97 14.10 -18.18 -18.29
C GLY A 97 14.67 -17.13 -17.35
N ILE A 98 14.20 -17.15 -16.10
CA ILE A 98 14.65 -16.24 -15.05
C ILE A 98 15.21 -17.15 -13.97
N GLU A 99 16.52 -17.08 -13.79
CA GLU A 99 17.13 -17.80 -12.68
C GLU A 99 16.81 -17.21 -11.31
N PRO A 100 16.70 -18.07 -10.28
CA PRO A 100 16.36 -17.54 -8.97
C PRO A 100 17.55 -16.96 -8.23
N MET A 101 18.17 -15.98 -8.87
CA MET A 101 19.33 -15.33 -8.27
C MET A 101 19.34 -13.85 -8.63
N TRP A 102 19.83 -12.97 -7.73
CA TRP A 102 19.86 -11.51 -7.99
C TRP A 102 20.69 -11.07 -9.22
N GLU A 103 21.55 -11.96 -9.75
CA GLU A 103 22.36 -11.72 -10.97
C GLU A 103 21.56 -11.69 -12.26
N ASP A 104 20.37 -12.27 -12.24
CA ASP A 104 19.59 -12.39 -13.46
C ASP A 104 19.17 -11.02 -14.00
N GLU A 105 19.22 -10.85 -15.32
CA GLU A 105 18.80 -9.63 -15.99
C GLU A 105 17.52 -9.09 -15.40
N LYS A 106 16.56 -10.00 -15.21
CA LYS A 106 15.22 -9.65 -14.70
C LYS A 106 15.16 -9.48 -13.20
N ASN A 107 16.22 -9.84 -12.50
CA ASN A 107 16.21 -9.58 -11.04
C ASN A 107 17.09 -8.47 -10.54
N LYS A 108 18.11 -8.10 -11.31
CA LYS A 108 19.17 -7.29 -10.70
C LYS A 108 18.76 -5.85 -10.44
N ARG A 109 17.76 -5.37 -11.17
CA ARG A 109 17.06 -4.10 -10.85
C ARG A 109 15.89 -4.20 -9.86
N GLY A 110 15.59 -5.40 -9.36
CA GLY A 110 14.40 -5.59 -8.58
C GLY A 110 14.59 -5.69 -7.09
N GLY A 111 13.63 -6.34 -6.46
CA GLY A 111 13.61 -6.47 -5.01
C GLY A 111 12.52 -7.46 -4.64
N ARG A 112 12.29 -7.58 -3.35
CA ARG A 112 11.43 -8.63 -2.86
C ARG A 112 10.54 -8.00 -1.80
N TRP A 113 9.31 -8.52 -1.73
CA TRP A 113 8.43 -8.30 -0.61
C TRP A 113 8.74 -9.43 0.35
N LEU A 114 9.11 -9.09 1.58
CA LEU A 114 9.64 -10.06 2.50
C LEU A 114 8.69 -10.35 3.71
N ILE A 115 8.36 -11.63 3.88
CA ILE A 115 7.62 -12.07 5.03
C ILE A 115 8.62 -12.77 5.98
N THR A 116 8.74 -12.21 7.17
CA THR A 116 9.61 -12.73 8.22
C THR A 116 8.80 -13.55 9.24
N LEU A 117 9.16 -14.80 9.41
CA LEU A 117 8.40 -15.67 10.30
C LEU A 117 9.20 -15.82 11.60
N ASN A 118 8.54 -16.03 12.73
CA ASN A 118 9.24 -16.51 13.93
C ASN A 118 9.09 -18.00 13.97
N LYS A 119 9.52 -18.60 15.07
CA LYS A 119 9.53 -20.05 15.13
C LYS A 119 8.15 -20.70 15.37
N GLN A 120 7.19 -19.93 15.88
CA GLN A 120 5.79 -20.38 16.07
C GLN A 120 4.98 -20.36 14.78
N GLN A 121 5.33 -19.46 13.86
CA GLN A 121 4.68 -19.39 12.54
C GLN A 121 5.08 -20.50 11.56
N ARG A 122 6.17 -21.23 11.86
CA ARG A 122 6.55 -22.37 11.03
C ARG A 122 5.46 -23.41 11.11
N ARG A 123 4.97 -23.60 12.34
CA ARG A 123 3.85 -24.44 12.65
C ARG A 123 2.57 -23.92 11.99
N SER A 124 2.21 -22.66 12.22
CA SER A 124 0.86 -22.22 11.83
C SER A 124 0.71 -21.55 10.46
N ASP A 125 1.82 -21.08 9.89
CA ASP A 125 1.78 -20.09 8.82
C ASP A 125 2.63 -20.39 7.60
N LEU A 126 3.84 -20.91 7.82
CA LEU A 126 4.82 -21.22 6.76
C LEU A 126 4.25 -21.94 5.55
N ASP A 127 3.70 -23.14 5.76
CA ASP A 127 3.17 -23.97 4.65
C ASP A 127 1.94 -23.34 3.98
N ARG A 128 1.04 -22.85 4.80
CA ARG A 128 -0.09 -22.06 4.34
C ARG A 128 0.35 -20.84 3.51
N PHE A 129 1.25 -20.03 4.08
CA PHE A 129 1.70 -18.81 3.41
C PHE A 129 2.34 -19.10 2.09
N TRP A 130 3.15 -20.15 2.04
CA TRP A 130 3.87 -20.56 0.84
C TRP A 130 2.96 -21.10 -0.29
N LEU A 131 2.07 -22.03 0.02
CA LEU A 131 1.12 -22.44 -0.97
C LEU A 131 0.42 -21.23 -1.53
N GLU A 132 -0.06 -20.33 -0.66
CA GLU A 132 -0.72 -19.08 -1.10
C GLU A 132 0.12 -18.24 -2.04
N THR A 133 1.39 -18.08 -1.74
CA THR A 133 2.35 -17.45 -2.63
C THR A 133 2.43 -18.08 -4.05
N LEU A 134 2.58 -19.40 -4.14
CA LEU A 134 2.54 -20.14 -5.44
C LEU A 134 1.24 -19.91 -6.24
N LEU A 135 0.12 -19.87 -5.54
CA LEU A 135 -1.17 -19.69 -6.17
C LEU A 135 -1.29 -18.31 -6.74
N CYS A 136 -0.61 -17.33 -6.09
CA CYS A 136 -0.58 -15.95 -6.57
C CYS A 136 0.30 -15.83 -7.78
N LEU A 137 1.40 -16.57 -7.81
CA LEU A 137 2.26 -16.59 -8.98
C LEU A 137 1.55 -17.27 -10.15
N ILE A 138 1.16 -18.53 -9.97
CA ILE A 138 0.63 -19.31 -11.10
C ILE A 138 -0.71 -18.79 -11.68
N GLY A 139 -1.60 -18.41 -10.76
CA GLY A 139 -2.88 -17.83 -11.13
C GLY A 139 -2.82 -16.38 -11.58
N GLU A 140 -1.63 -15.78 -11.53
CA GLU A 140 -1.39 -14.43 -12.04
C GLU A 140 -2.31 -13.42 -11.31
N SER A 141 -2.19 -13.42 -9.99
CA SER A 141 -3.13 -12.69 -9.12
C SER A 141 -2.97 -11.15 -9.00
N PHE A 142 -1.96 -10.58 -9.67
CA PHE A 142 -1.69 -9.15 -9.46
C PHE A 142 -2.04 -8.23 -10.63
N ASP A 143 -3.11 -8.56 -11.35
CA ASP A 143 -3.57 -7.80 -12.54
C ASP A 143 -2.49 -7.63 -13.61
N ASP A 144 -2.28 -6.39 -14.05
CA ASP A 144 -1.31 -6.09 -15.09
C ASP A 144 0.10 -6.09 -14.53
N TYR A 145 0.23 -6.15 -13.21
CA TYR A 145 1.55 -6.07 -12.63
C TYR A 145 2.13 -7.42 -12.33
N SER A 146 1.41 -8.47 -12.70
CA SER A 146 1.90 -9.85 -12.56
C SER A 146 3.09 -10.08 -13.47
N ASP A 147 3.12 -9.33 -14.57
CA ASP A 147 4.27 -9.29 -15.44
C ASP A 147 5.53 -8.75 -14.78
N ASP A 148 5.39 -8.01 -13.68
CA ASP A 148 6.54 -7.52 -12.89
C ASP A 148 7.07 -8.56 -11.88
N VAL A 149 6.28 -9.62 -11.64
CA VAL A 149 6.69 -10.77 -10.80
C VAL A 149 7.73 -11.63 -11.50
N CYS A 150 8.81 -11.94 -10.79
CA CYS A 150 9.85 -12.81 -11.33
C CYS A 150 9.72 -14.22 -10.79
N GLY A 151 9.43 -14.29 -9.49
CA GLY A 151 9.27 -15.55 -8.80
C GLY A 151 9.17 -15.35 -7.32
N ALA A 152 9.31 -16.41 -6.52
CA ALA A 152 9.15 -16.32 -5.05
C ALA A 152 10.05 -17.32 -4.41
N VAL A 153 10.56 -17.01 -3.22
CA VAL A 153 11.36 -18.02 -2.49
C VAL A 153 10.98 -18.19 -1.02
N VAL A 154 11.04 -19.42 -0.53
CA VAL A 154 10.92 -19.70 0.88
C VAL A 154 12.29 -20.15 1.45
N ASN A 155 12.71 -19.50 2.53
CA ASN A 155 13.94 -19.86 3.22
C ASN A 155 13.57 -20.55 4.51
N VAL A 156 14.00 -21.79 4.64
CA VAL A 156 13.88 -22.51 5.90
C VAL A 156 15.13 -22.29 6.76
N ARG A 157 14.95 -21.63 7.90
CA ARG A 157 16.09 -21.23 8.74
C ARG A 157 15.79 -21.51 10.19
N ALA A 158 16.76 -22.09 10.91
CA ALA A 158 16.66 -22.30 12.38
C ALA A 158 16.27 -21.03 13.14
N LYS A 159 16.88 -19.91 12.76
CA LYS A 159 16.69 -18.58 13.34
C LYS A 159 15.34 -17.90 13.04
N GLY A 160 14.70 -18.34 11.94
CA GLY A 160 13.40 -17.81 11.54
C GLY A 160 13.25 -17.88 10.04
N ASP A 161 12.11 -18.41 9.61
CA ASP A 161 11.82 -18.64 8.21
C ASP A 161 11.49 -17.36 7.47
N LYS A 162 11.62 -17.38 6.14
CA LYS A 162 11.22 -16.22 5.37
C LYS A 162 10.54 -16.68 4.07
N ILE A 163 9.55 -15.92 3.60
CA ILE A 163 8.98 -16.10 2.29
C ILE A 163 9.06 -14.74 1.63
N ALA A 164 9.28 -14.72 0.32
CA ALA A 164 9.38 -13.47 -0.40
C ALA A 164 8.89 -13.64 -1.84
N ILE A 165 8.22 -12.61 -2.39
CA ILE A 165 7.96 -12.47 -3.84
C ILE A 165 8.95 -11.45 -4.47
N TRP A 166 9.62 -11.87 -5.54
CA TRP A 166 10.59 -11.00 -6.24
C TRP A 166 9.89 -10.39 -7.42
N THR A 167 10.17 -9.11 -7.63
CA THR A 167 9.67 -8.32 -8.72
C THR A 167 10.87 -7.73 -9.47
N THR A 168 10.61 -7.31 -10.71
CA THR A 168 11.65 -7.05 -11.71
C THR A 168 12.34 -5.68 -11.59
N GLU A 169 11.60 -4.71 -11.04
CA GLU A 169 12.03 -3.33 -11.04
C GLU A 169 11.58 -2.64 -9.76
N CYS A 170 12.53 -2.37 -8.89
CA CYS A 170 12.24 -1.69 -7.64
C CYS A 170 11.82 -0.23 -7.86
N GLU A 171 12.09 0.32 -9.04
CA GLU A 171 11.63 1.67 -9.38
C GLU A 171 10.13 1.78 -9.65
N ASN A 172 9.51 0.71 -10.16
CA ASN A 172 8.09 0.74 -10.51
C ASN A 172 7.21 0.80 -9.26
N ARG A 173 7.04 2.02 -8.75
CA ARG A 173 6.32 2.29 -7.50
C ARG A 173 4.89 1.68 -7.52
N GLU A 174 4.19 1.89 -8.62
CA GLU A 174 2.83 1.35 -8.72
C GLU A 174 2.78 -0.17 -8.78
N ALA A 175 3.66 -0.75 -9.59
CA ALA A 175 3.76 -2.21 -9.71
C ALA A 175 4.08 -2.85 -8.36
N VAL A 176 5.17 -2.44 -7.72
CA VAL A 176 5.65 -3.03 -6.47
C VAL A 176 4.62 -2.88 -5.35
N THR A 177 4.17 -1.66 -5.21
CA THR A 177 3.12 -1.22 -4.31
C THR A 177 1.75 -1.97 -4.48
N HIS A 178 1.30 -2.16 -5.73
CA HIS A 178 0.11 -3.00 -6.02
C HIS A 178 0.28 -4.46 -5.65
N ILE A 179 1.47 -5.01 -5.88
CA ILE A 179 1.75 -6.41 -5.61
C ILE A 179 1.74 -6.64 -4.12
N GLY A 180 2.33 -5.72 -3.36
CA GLY A 180 2.37 -5.83 -1.91
C GLY A 180 1.01 -5.78 -1.22
N ARG A 181 0.21 -4.77 -1.57
CA ARG A 181 -1.17 -4.67 -1.16
C ARG A 181 -1.95 -5.98 -1.36
N VAL A 182 -1.87 -6.56 -2.56
CA VAL A 182 -2.65 -7.73 -2.93
C VAL A 182 -2.06 -8.98 -2.28
N TYR A 183 -0.73 -9.08 -2.26
CA TYR A 183 -0.08 -10.14 -1.52
C TYR A 183 -0.51 -10.19 -0.04
N LYS A 184 -0.41 -9.07 0.66
CA LYS A 184 -0.80 -8.98 2.09
C LYS A 184 -2.25 -9.40 2.34
N GLU A 185 -3.16 -8.96 1.46
CA GLU A 185 -4.57 -9.40 1.47
C GLU A 185 -4.68 -10.90 1.32
N ARG A 186 -3.99 -11.42 0.29
CA ARG A 186 -3.95 -12.84 -0.03
C ARG A 186 -3.41 -13.73 1.10
N LEU A 187 -2.40 -13.26 1.84
CA LEU A 187 -1.89 -13.98 3.01
C LEU A 187 -2.78 -13.80 4.24
N GLY A 188 -3.70 -12.85 4.15
CA GLY A 188 -4.64 -12.58 5.21
C GLY A 188 -3.97 -11.99 6.44
N LEU A 189 -2.93 -11.17 6.24
CA LEU A 189 -2.17 -10.55 7.36
C LEU A 189 -2.89 -9.30 7.92
N PRO A 190 -2.97 -9.18 9.27
CA PRO A 190 -3.70 -8.08 9.90
C PRO A 190 -2.95 -6.73 9.71
N PRO A 191 -3.66 -5.57 9.84
CA PRO A 191 -3.05 -4.22 9.77
C PRO A 191 -1.82 -4.00 10.67
N LYS A 192 -1.75 -4.73 11.79
CA LYS A 192 -0.59 -4.75 12.70
C LYS A 192 0.68 -5.26 12.03
N ILE A 193 0.59 -6.36 11.30
CA ILE A 193 1.74 -6.84 10.54
C ILE A 193 2.04 -5.84 9.40
N VAL A 194 3.32 -5.47 9.27
CA VAL A 194 3.82 -4.58 8.26
C VAL A 194 4.98 -5.33 7.61
N ILE A 195 5.01 -5.35 6.28
CA ILE A 195 6.05 -6.08 5.54
C ILE A 195 6.84 -5.14 4.65
N GLY A 196 8.12 -5.45 4.45
CA GLY A 196 8.98 -4.51 3.73
C GLY A 196 9.34 -5.03 2.37
N TYR A 197 9.64 -4.08 1.48
CA TYR A 197 10.21 -4.39 0.18
C TYR A 197 11.62 -3.84 0.17
N GLN A 198 12.56 -4.71 -0.17
CA GLN A 198 13.96 -4.37 -0.28
C GLN A 198 14.45 -4.68 -1.66
N SER A 199 15.13 -3.70 -2.22
CA SER A 199 15.79 -3.84 -3.50
C SER A 199 16.97 -4.79 -3.30
N HIS A 200 17.25 -5.59 -4.33
CA HIS A 200 18.34 -6.59 -4.28
C HIS A 200 19.71 -5.92 -4.28
N ALA A 201 19.77 -4.70 -4.84
CA ALA A 201 20.95 -3.83 -4.80
C ALA A 201 21.32 -3.50 -3.39
N ASP A 202 20.35 -3.03 -2.59
CA ASP A 202 20.57 -2.82 -1.17
C ASP A 202 21.00 -4.11 -0.47
N THR A 203 20.24 -5.20 -0.66
CA THR A 203 20.54 -6.52 -0.09
C THR A 203 21.95 -7.06 -0.40
N ALA A 204 22.37 -6.96 -1.65
CA ALA A 204 23.67 -7.51 -2.09
C ALA A 204 24.88 -6.69 -1.60
N THR A 205 24.60 -5.69 -0.76
CA THR A 205 25.60 -4.81 -0.12
C THR A 205 25.94 -5.20 1.33
N THR A 211 18.90 -4.19 6.13
CA THR A 211 18.57 -3.65 4.80
C THR A 211 17.28 -2.80 4.83
N LYS A 212 17.37 -1.56 4.37
CA LYS A 212 16.27 -0.62 4.37
C LYS A 212 15.14 -1.03 3.43
N ASN A 213 13.93 -0.58 3.75
CA ASN A 213 12.76 -0.87 2.97
C ASN A 213 12.50 0.29 2.04
N ARG A 214 12.42 0.05 0.74
CA ARG A 214 11.92 1.08 -0.20
C ARG A 214 10.42 1.40 0.02
N PHE A 215 9.66 0.37 0.37
CA PHE A 215 8.23 0.43 0.65
C PHE A 215 7.85 -0.51 1.82
N VAL A 216 6.80 -0.16 2.55
CA VAL A 216 6.16 -1.13 3.42
C VAL A 216 4.65 -1.22 3.14
N VAL A 217 4.03 -2.33 3.52
CA VAL A 217 2.57 -2.45 3.40
C VAL A 217 2.00 -3.21 4.62
N ARG B 1 -5.08 -12.64 -21.26
CA ARG B 1 -4.38 -13.01 -20.01
C ARG B 1 -5.08 -14.19 -19.32
N ILE B 2 -4.32 -15.24 -19.02
CA ILE B 2 -4.82 -16.38 -18.23
C ILE B 2 -4.68 -16.14 -16.72
N ILE B 3 -5.83 -16.10 -16.03
CA ILE B 3 -5.89 -15.85 -14.58
C ILE B 3 -6.76 -16.92 -13.92
N TYR B 4 -6.30 -17.45 -12.79
CA TYR B 4 -7.09 -18.38 -12.02
C TYR B 4 -7.30 -17.87 -10.62
N ASP B 5 -8.55 -17.96 -10.20
CA ASP B 5 -9.01 -17.79 -8.83
C ASP B 5 -8.28 -18.78 -7.93
N ARG B 6 -8.07 -18.38 -6.69
CA ARG B 6 -7.66 -19.30 -5.65
C ARG B 6 -8.61 -20.50 -5.51
N LYS B 7 -9.89 -20.27 -5.77
CA LYS B 7 -10.90 -21.27 -5.51
C LYS B 7 -10.87 -22.34 -6.56
N PHE B 8 -10.73 -21.92 -7.82
CA PHE B 8 -10.52 -22.88 -8.89
C PHE B 8 -9.24 -23.72 -8.71
N LEU B 9 -8.13 -23.10 -8.31
CA LEU B 9 -6.86 -23.84 -8.24
C LEU B 9 -6.89 -24.88 -7.12
N MET B 10 -7.49 -24.52 -5.99
CA MET B 10 -7.64 -25.46 -4.87
C MET B 10 -8.54 -26.64 -5.24
N GLU B 11 -9.58 -26.39 -6.05
CA GLU B 11 -10.51 -27.43 -6.49
C GLU B 11 -9.85 -28.45 -7.41
N CYS B 12 -8.68 -28.10 -7.94
CA CYS B 12 -7.90 -28.94 -8.85
C CYS B 12 -6.89 -29.87 -8.15
N ARG B 13 -6.67 -29.67 -6.84
CA ARG B 13 -5.50 -30.30 -6.20
C ARG B 13 -5.45 -31.82 -6.23
N ASN B 14 -6.61 -32.45 -6.22
CA ASN B 14 -6.68 -33.91 -6.25
C ASN B 14 -7.10 -34.49 -7.60
N TYR C 34 5.44 25.72 -20.81
CA TYR C 34 5.45 24.70 -19.72
C TYR C 34 4.04 24.07 -19.70
N ILE C 35 4.00 22.76 -19.61
CA ILE C 35 2.80 21.96 -19.71
C ILE C 35 2.32 21.68 -18.31
N LYS C 36 1.01 21.68 -18.13
CA LYS C 36 0.46 21.34 -16.84
C LYS C 36 0.53 19.83 -16.62
N HIS C 37 0.63 19.43 -15.36
CA HIS C 37 0.69 18.04 -15.01
C HIS C 37 -0.65 17.62 -14.44
N PRO C 38 -1.31 16.64 -15.11
CA PRO C 38 -2.61 16.06 -14.75
C PRO C 38 -2.60 15.40 -13.38
N LEU C 39 -3.67 15.60 -12.63
CA LEU C 39 -3.89 14.87 -11.38
C LEU C 39 -4.68 13.61 -11.65
N GLN C 40 -4.55 12.65 -10.73
CA GLN C 40 -5.33 11.41 -10.83
C GLN C 40 -6.83 11.68 -10.67
N ASN C 41 -7.13 12.64 -9.80
CA ASN C 41 -8.49 13.03 -9.52
C ASN C 41 -8.72 14.51 -9.78
N ARG C 42 -10.00 14.87 -9.92
CA ARG C 42 -10.43 16.26 -9.92
C ARG C 42 -10.87 16.53 -8.50
N TRP C 43 -10.49 17.71 -7.99
CA TRP C 43 -10.72 18.06 -6.61
C TRP C 43 -11.53 19.34 -6.56
N ALA C 44 -12.26 19.51 -5.47
CA ALA C 44 -13.06 20.70 -5.25
C ALA C 44 -12.55 21.26 -3.92
N LEU C 45 -12.27 22.55 -3.85
CA LEU C 45 -11.99 23.20 -2.55
C LEU C 45 -13.22 23.94 -2.01
N TRP C 46 -13.55 23.72 -0.74
CA TRP C 46 -14.65 24.35 -0.07
C TRP C 46 -14.16 25.20 1.09
N PHE C 47 -14.97 26.21 1.39
CA PHE C 47 -14.74 27.15 2.44
C PHE C 47 -16.04 27.31 3.22
N PHE C 48 -15.93 27.11 4.52
CA PHE C 48 -16.98 27.42 5.44
C PHE C 48 -16.60 28.75 6.09
N LYS C 49 -17.50 29.72 6.00
CA LYS C 49 -17.30 30.92 6.77
C LYS C 49 -18.19 30.87 7.99
N ASN C 50 -17.63 31.30 9.10
CA ASN C 50 -18.31 31.49 10.36
C ASN C 50 -19.42 32.56 10.19
N ASP C 51 -20.67 32.11 10.28
CA ASP C 51 -21.86 32.99 10.42
C ASP C 51 -23.03 32.21 11.05
N LYS C 52 -23.56 32.67 12.19
CA LYS C 52 -24.59 31.90 12.94
C LYS C 52 -26.05 32.23 12.55
N SER C 53 -26.21 33.19 11.63
CA SER C 53 -27.51 33.53 11.06
C SER C 53 -28.02 32.44 10.11
N LYS C 54 -27.11 31.64 9.55
CA LYS C 54 -27.51 30.48 8.73
C LYS C 54 -27.24 29.10 9.35
N THR C 55 -27.81 28.08 8.71
CA THR C 55 -27.55 26.70 9.06
C THR C 55 -26.09 26.34 8.66
N TRP C 56 -25.63 25.18 9.12
CA TRP C 56 -24.29 24.71 8.81
C TRP C 56 -24.11 24.46 7.29
N GLN C 57 -25.09 23.77 6.68
CA GLN C 57 -25.22 23.62 5.22
C GLN C 57 -25.13 24.90 4.41
N ALA C 58 -25.76 25.95 4.90
CA ALA C 58 -25.78 27.24 4.21
C ALA C 58 -24.47 28.03 4.33
N ASN C 59 -23.62 27.66 5.29
CA ASN C 59 -22.32 28.36 5.48
C ASN C 59 -21.17 27.84 4.59
N LEU C 60 -21.43 26.71 3.95
CA LEU C 60 -20.45 25.95 3.19
C LEU C 60 -20.50 26.33 1.70
N ARG C 61 -19.38 26.80 1.13
CA ARG C 61 -19.37 27.19 -0.28
C ARG C 61 -18.23 26.54 -1.07
N LEU C 62 -18.50 26.17 -2.31
CA LEU C 62 -17.50 25.60 -3.19
C LEU C 62 -16.70 26.74 -3.84
N ILE C 63 -15.38 26.73 -3.65
CA ILE C 63 -14.57 27.80 -4.19
C ILE C 63 -14.29 27.48 -5.65
N SER C 64 -13.53 26.41 -5.90
CA SER C 64 -13.06 26.06 -7.25
C SER C 64 -12.73 24.58 -7.36
N LYS C 65 -12.64 24.10 -8.59
CA LYS C 65 -12.27 22.73 -8.89
C LYS C 65 -11.04 22.74 -9.77
N PHE C 66 -10.13 21.78 -9.55
CA PHE C 66 -8.90 21.71 -10.36
C PHE C 66 -8.56 20.26 -10.60
N ASP C 67 -7.88 19.98 -11.72
CA ASP C 67 -7.34 18.63 -12.02
C ASP C 67 -5.89 18.61 -12.54
N THR C 68 -5.15 19.70 -12.27
CA THR C 68 -3.71 19.79 -12.57
C THR C 68 -2.98 20.30 -11.35
N VAL C 69 -1.69 19.97 -11.24
CA VAL C 69 -0.86 20.46 -10.14
C VAL C 69 -0.80 21.99 -10.20
N GLU C 70 -0.57 22.51 -11.40
CA GLU C 70 -0.50 23.95 -11.60
C GLU C 70 -1.79 24.74 -11.27
N ASP C 71 -2.97 24.17 -11.54
CA ASP C 71 -4.26 24.78 -11.14
C ASP C 71 -4.55 24.69 -9.64
N PHE C 72 -4.02 23.66 -8.98
CA PHE C 72 -3.97 23.69 -7.53
C PHE C 72 -3.12 24.86 -6.95
N TRP C 73 -1.94 25.10 -7.51
CA TRP C 73 -1.05 26.17 -7.04
C TRP C 73 -1.68 27.53 -7.29
N ALA C 74 -2.18 27.70 -8.51
CA ALA C 74 -2.98 28.84 -8.94
C ALA C 74 -4.06 29.18 -7.93
N LEU C 75 -4.83 28.17 -7.50
CA LEU C 75 -5.78 28.34 -6.39
C LEU C 75 -5.17 28.65 -5.01
N TYR C 76 -4.25 27.80 -4.51
CA TYR C 76 -3.63 27.96 -3.18
C TYR C 76 -2.94 29.33 -3.08
N ASN C 77 -2.33 29.75 -4.18
CA ASN C 77 -1.67 31.08 -4.26
C ASN C 77 -2.62 32.27 -3.93
N HIS C 78 -3.90 32.21 -4.35
CA HIS C 78 -4.80 33.33 -4.11
C HIS C 78 -5.61 33.38 -2.82
N ILE C 79 -5.78 32.25 -2.15
CA ILE C 79 -6.62 32.21 -1.00
C ILE C 79 -5.86 32.49 0.30
N GLN C 80 -6.63 32.95 1.29
CA GLN C 80 -6.19 33.10 2.65
C GLN C 80 -5.61 31.83 3.24
N LEU C 81 -4.47 32.00 3.91
CA LEU C 81 -3.82 30.97 4.70
C LEU C 81 -4.69 30.62 5.90
N SER C 82 -4.80 29.33 6.18
CA SER C 82 -5.59 28.83 7.27
C SER C 82 -5.26 29.56 8.55
N SER C 83 -3.99 29.99 8.64
CA SER C 83 -3.47 30.51 9.91
C SER C 83 -3.84 31.96 10.17
N ASN C 84 -4.37 32.63 9.15
CA ASN C 84 -5.00 33.96 9.25
C ASN C 84 -6.54 33.96 9.35
N LEU C 85 -7.19 32.79 9.25
CA LEU C 85 -8.66 32.70 9.30
C LEU C 85 -9.19 32.90 10.70
N MET C 86 -10.35 33.56 10.78
CA MET C 86 -11.03 33.68 12.05
C MET C 86 -11.52 32.30 12.57
N PRO C 87 -11.59 32.12 13.90
CA PRO C 87 -12.12 30.86 14.45
C PRO C 87 -13.54 30.56 13.99
N GLY C 88 -13.81 29.32 13.62
CA GLY C 88 -15.12 28.89 13.07
C GLY C 88 -15.08 28.69 11.57
N CYS C 89 -13.98 29.09 10.95
CA CYS C 89 -13.74 28.86 9.52
C CYS C 89 -13.08 27.51 9.25
N ASP C 90 -13.42 26.90 8.11
CA ASP C 90 -12.90 25.61 7.65
C ASP C 90 -12.55 25.74 6.20
N TYR C 91 -11.53 24.96 5.78
CA TYR C 91 -11.33 24.57 4.39
C TYR C 91 -11.46 23.06 4.30
N SER C 92 -12.03 22.58 3.20
CA SER C 92 -12.06 21.15 2.86
C SER C 92 -11.64 20.95 1.39
N LEU C 93 -10.76 19.98 1.12
CA LEU C 93 -10.52 19.56 -0.24
C LEU C 93 -11.09 18.14 -0.40
N PHE C 94 -12.12 17.99 -1.25
CA PHE C 94 -12.80 16.72 -1.47
C PHE C 94 -12.80 16.36 -2.95
N LYS C 95 -12.71 15.07 -3.27
CA LYS C 95 -12.78 14.60 -4.67
C LYS C 95 -14.06 15.13 -5.28
N ASP C 96 -13.99 15.60 -6.52
CA ASP C 96 -15.16 16.11 -7.24
C ASP C 96 -16.34 15.12 -7.04
N GLY C 97 -17.52 15.62 -6.69
CA GLY C 97 -18.66 14.73 -6.48
C GLY C 97 -18.90 14.28 -5.05
N ILE C 98 -17.98 14.59 -4.13
CA ILE C 98 -18.15 14.27 -2.71
C ILE C 98 -18.26 15.60 -1.97
N GLU C 99 -19.36 15.79 -1.29
CA GLU C 99 -19.49 17.03 -0.56
C GLU C 99 -18.84 16.84 0.78
N PRO C 100 -18.24 17.91 1.34
CA PRO C 100 -17.50 17.83 2.62
C PRO C 100 -18.40 17.69 3.86
N MET C 101 -19.29 16.72 3.83
CA MET C 101 -20.16 16.39 4.95
C MET C 101 -20.30 14.88 5.17
N TRP C 102 -20.50 14.51 6.44
CA TRP C 102 -20.66 13.11 6.88
C TRP C 102 -21.83 12.39 6.16
N GLU C 103 -22.95 13.08 5.92
CA GLU C 103 -24.14 12.52 5.23
C GLU C 103 -23.95 12.03 3.79
N ASP C 104 -22.91 12.50 3.12
CA ASP C 104 -22.63 12.13 1.74
C ASP C 104 -22.43 10.61 1.61
N GLU C 105 -23.06 10.02 0.61
CA GLU C 105 -22.94 8.60 0.29
C GLU C 105 -21.51 8.04 0.48
N LYS C 106 -20.49 8.78 0.05
CA LYS C 106 -19.11 8.31 0.13
C LYS C 106 -18.45 8.52 1.49
N ASN C 107 -19.15 9.24 2.39
CA ASN C 107 -18.65 9.60 3.72
C ASN C 107 -19.35 8.92 4.89
N LYS C 108 -20.64 8.63 4.68
CA LYS C 108 -21.52 8.10 5.74
C LYS C 108 -20.99 6.80 6.38
N ARG C 109 -20.39 5.92 5.58
CA ARG C 109 -19.83 4.68 6.14
C ARG C 109 -18.37 4.82 6.63
N GLY C 110 -17.83 6.04 6.56
CA GLY C 110 -16.42 6.26 6.77
C GLY C 110 -16.05 6.93 8.05
N GLY C 111 -14.87 7.53 8.09
CA GLY C 111 -14.40 8.28 9.25
C GLY C 111 -13.23 9.19 8.91
N ARG C 112 -12.50 9.61 9.93
CA ARG C 112 -11.46 10.59 9.76
C ARG C 112 -10.28 10.26 10.69
N TRP C 113 -9.06 10.42 10.16
CA TRP C 113 -7.86 10.62 10.98
C TRP C 113 -7.77 12.08 11.45
N LEU C 114 -7.72 12.31 12.76
CA LEU C 114 -7.80 13.64 13.35
C LEU C 114 -6.55 14.01 14.13
N ILE C 115 -5.93 15.14 13.77
CA ILE C 115 -4.87 15.73 14.59
C ILE C 115 -5.37 17.06 15.13
N THR C 116 -5.08 17.35 16.41
CA THR C 116 -5.36 18.68 16.93
C THR C 116 -4.08 19.45 17.21
N LEU C 117 -4.14 20.72 16.93
CA LEU C 117 -2.97 21.55 16.93
C LEU C 117 -3.15 22.61 18.00
N ASN C 118 -2.06 22.84 18.73
CA ASN C 118 -1.96 24.03 19.53
C ASN C 118 -2.05 25.30 18.69
N LYS C 119 -2.69 26.34 19.23
CA LYS C 119 -2.47 27.69 18.70
C LYS C 119 -0.99 28.04 18.95
N GLN C 120 -0.38 28.78 18.00
CA GLN C 120 1.01 29.20 18.16
C GLN C 120 1.22 30.70 18.04
N GLN C 121 2.28 31.16 18.72
CA GLN C 121 2.68 32.56 18.69
C GLN C 121 3.72 32.79 17.61
N ARG C 122 4.85 32.11 17.74
CA ARG C 122 6.02 32.41 16.95
C ARG C 122 6.23 31.43 15.79
N ARG C 123 5.32 30.46 15.63
CA ARG C 123 5.40 29.49 14.52
C ARG C 123 4.08 29.47 13.77
N SER C 124 4.11 28.98 12.53
CA SER C 124 2.92 28.86 11.67
C SER C 124 2.71 27.47 11.06
N ASP C 125 2.94 26.44 11.89
CA ASP C 125 2.88 25.03 11.49
C ASP C 125 1.56 24.56 10.94
N LEU C 126 0.48 25.30 11.21
CA LEU C 126 -0.84 24.93 10.69
C LEU C 126 -0.78 24.91 9.17
N ASP C 127 -0.25 25.98 8.59
CA ASP C 127 -0.12 26.10 7.13
C ASP C 127 0.78 25.00 6.55
N ARG C 128 1.82 24.62 7.27
CA ARG C 128 2.78 23.62 6.80
C ARG C 128 2.12 22.26 6.77
N PHE C 129 1.32 21.97 7.79
CA PHE C 129 0.66 20.70 7.98
C PHE C 129 -0.53 20.57 7.07
N TRP C 130 -1.30 21.67 6.93
CA TRP C 130 -2.39 21.74 5.95
C TRP C 130 -1.95 21.53 4.50
N LEU C 131 -0.94 22.29 4.07
CA LEU C 131 -0.43 22.18 2.72
C LEU C 131 0.04 20.77 2.44
N GLU C 132 0.81 20.22 3.37
CA GLU C 132 1.27 18.84 3.36
C GLU C 132 0.13 17.80 3.27
N THR C 133 -0.94 17.99 4.04
CA THR C 133 -2.16 17.23 3.84
C THR C 133 -2.69 17.32 2.36
N LEU C 134 -2.73 18.53 1.78
CA LEU C 134 -3.24 18.74 0.42
C LEU C 134 -2.41 18.01 -0.61
N LEU C 135 -1.09 18.12 -0.49
CA LEU C 135 -0.11 17.39 -1.30
C LEU C 135 -0.25 15.87 -1.28
N CYS C 136 -0.56 15.34 -0.09
CA CYS C 136 -0.83 13.89 0.11
C CYS C 136 -2.04 13.42 -0.67
N LEU C 137 -3.05 14.29 -0.76
CA LEU C 137 -4.26 13.98 -1.53
C LEU C 137 -4.02 14.14 -2.98
N ILE C 138 -3.55 15.30 -3.43
CA ILE C 138 -3.47 15.53 -4.87
C ILE C 138 -2.39 14.65 -5.56
N GLY C 139 -1.29 14.39 -4.84
CA GLY C 139 -0.20 13.55 -5.32
C GLY C 139 -0.40 12.07 -5.07
N GLU C 140 -1.58 11.71 -4.53
CA GLU C 140 -2.01 10.32 -4.31
C GLU C 140 -0.98 9.51 -3.48
N SER C 141 -0.70 10.00 -2.27
CA SER C 141 0.46 9.52 -1.53
C SER C 141 0.29 8.15 -0.81
N PHE C 142 -0.92 7.59 -0.85
CA PHE C 142 -1.29 6.40 -0.09
C PHE C 142 -1.39 5.13 -0.92
N ASP C 143 -0.87 5.22 -2.15
CA ASP C 143 -0.84 4.13 -3.11
C ASP C 143 -2.21 3.69 -3.59
N ASP C 144 -2.52 2.39 -3.62
CA ASP C 144 -3.85 1.93 -4.03
C ASP C 144 -4.92 2.45 -3.06
N TYR C 145 -4.53 2.61 -1.81
CA TYR C 145 -5.40 3.07 -0.75
C TYR C 145 -5.83 4.55 -0.82
N SER C 146 -5.22 5.27 -1.76
CA SER C 146 -5.60 6.65 -2.13
C SER C 146 -7.04 6.72 -2.62
N ASP C 147 -7.57 5.60 -3.10
CA ASP C 147 -8.99 5.49 -3.46
C ASP C 147 -10.00 5.55 -2.31
N ASP C 148 -9.57 5.16 -1.12
CA ASP C 148 -10.32 5.34 0.13
C ASP C 148 -10.37 6.78 0.68
N VAL C 149 -9.49 7.66 0.21
CA VAL C 149 -9.53 9.06 0.58
C VAL C 149 -10.71 9.76 -0.13
N CYS C 150 -11.60 10.32 0.68
CA CYS C 150 -12.65 11.25 0.25
C CYS C 150 -12.20 12.72 0.16
N GLY C 151 -11.42 13.14 1.14
CA GLY C 151 -10.95 14.51 1.19
C GLY C 151 -10.29 14.80 2.50
N ALA C 152 -10.05 16.07 2.79
CA ALA C 152 -9.43 16.47 4.08
C ALA C 152 -10.01 17.81 4.53
N VAL C 153 -10.08 18.03 5.83
CA VAL C 153 -10.69 19.26 6.36
C VAL C 153 -9.71 19.94 7.32
N VAL C 154 -9.70 21.26 7.34
CA VAL C 154 -8.99 21.98 8.42
C VAL C 154 -9.94 22.86 9.17
N ASN C 155 -10.04 22.70 10.49
CA ASN C 155 -10.89 23.57 11.33
C ASN C 155 -10.04 24.57 12.06
N VAL C 156 -10.30 25.86 11.87
CA VAL C 156 -9.67 26.82 12.76
C VAL C 156 -10.60 27.26 13.87
N ARG C 157 -10.11 27.14 15.11
CA ARG C 157 -10.95 27.38 16.27
C ARG C 157 -10.14 28.16 17.32
N ALA C 158 -10.81 28.78 18.29
CA ALA C 158 -10.11 29.57 19.29
C ALA C 158 -9.19 28.73 20.19
N LYS C 159 -9.66 27.54 20.52
CA LYS C 159 -8.97 26.69 21.51
C LYS C 159 -7.79 25.87 20.90
N GLY C 160 -7.79 25.73 19.58
CA GLY C 160 -6.77 24.96 18.84
C GLY C 160 -7.25 24.87 17.41
N ASP C 161 -6.54 24.13 16.57
CA ASP C 161 -6.94 23.93 15.15
C ASP C 161 -6.93 22.45 14.88
N LYS C 162 -7.66 22.01 13.88
CA LYS C 162 -7.73 20.58 13.58
C LYS C 162 -7.55 20.38 12.09
N ILE C 163 -6.83 19.32 11.76
CA ILE C 163 -6.79 18.75 10.43
C ILE C 163 -7.21 17.27 10.52
N ALA C 164 -7.94 16.80 9.51
CA ALA C 164 -8.35 15.40 9.37
C ALA C 164 -8.25 15.02 7.89
N ILE C 165 -8.00 13.74 7.66
CA ILE C 165 -8.20 13.09 6.39
C ILE C 165 -9.41 12.19 6.56
N TRP C 166 -10.40 12.39 5.65
CA TRP C 166 -11.63 11.61 5.54
C TRP C 166 -11.47 10.45 4.57
N THR C 167 -11.84 9.25 5.04
CA THR C 167 -11.87 8.02 4.23
C THR C 167 -13.28 7.41 4.19
N THR C 168 -13.49 6.59 3.16
CA THR C 168 -14.81 6.19 2.72
C THR C 168 -15.45 5.02 3.47
N GLU C 169 -14.61 4.21 4.13
CA GLU C 169 -15.09 3.01 4.84
C GLU C 169 -14.32 2.71 6.15
N CYS C 170 -14.98 2.90 7.30
CA CYS C 170 -14.35 2.57 8.57
C CYS C 170 -14.11 1.06 8.81
N GLU C 171 -14.74 0.20 8.00
CA GLU C 171 -14.52 -1.26 8.04
C GLU C 171 -13.32 -1.72 7.17
N ASN C 172 -12.83 -0.85 6.28
CA ASN C 172 -11.62 -1.12 5.51
C ASN C 172 -10.41 -0.92 6.43
N ARG C 173 -10.17 -1.88 7.34
CA ARG C 173 -9.11 -1.78 8.37
C ARG C 173 -7.68 -1.57 7.82
N GLU C 174 -7.33 -2.27 6.73
CA GLU C 174 -5.99 -2.16 6.17
C GLU C 174 -5.79 -0.81 5.51
N ALA C 175 -6.75 -0.43 4.66
CA ALA C 175 -6.79 0.87 4.02
C ALA C 175 -6.65 2.01 5.01
N VAL C 176 -7.50 2.02 6.05
CA VAL C 176 -7.49 3.09 7.03
C VAL C 176 -6.15 3.10 7.76
N THR C 177 -5.69 1.92 8.17
CA THR C 177 -4.38 1.82 8.84
C THR C 177 -3.24 2.33 7.95
N HIS C 178 -3.23 1.96 6.69
CA HIS C 178 -2.19 2.37 5.76
C HIS C 178 -2.15 3.90 5.62
N ILE C 179 -3.30 4.52 5.33
CA ILE C 179 -3.41 5.97 5.21
C ILE C 179 -2.87 6.71 6.46
N GLY C 180 -3.39 6.38 7.65
CA GLY C 180 -2.90 6.89 8.92
C GLY C 180 -1.39 6.90 9.12
N ARG C 181 -0.77 5.73 8.95
CA ARG C 181 0.69 5.57 9.09
C ARG C 181 1.53 6.40 8.09
N VAL C 182 1.08 6.46 6.83
CA VAL C 182 1.72 7.28 5.80
C VAL C 182 1.57 8.76 6.10
N TYR C 183 0.35 9.16 6.44
CA TYR C 183 0.07 10.53 6.90
C TYR C 183 1.00 10.93 8.08
N LYS C 184 0.98 10.13 9.13
CA LYS C 184 1.78 10.39 10.36
C LYS C 184 3.25 10.70 10.01
N GLU C 185 3.79 9.87 9.10
CA GLU C 185 5.16 9.94 8.66
C GLU C 185 5.42 11.07 7.63
N ARG C 186 4.45 11.36 6.78
CA ARG C 186 4.57 12.50 5.84
C ARG C 186 4.58 13.82 6.62
N LEU C 187 3.85 13.86 7.74
CA LEU C 187 3.86 15.04 8.61
C LEU C 187 5.08 15.18 9.52
N GLY C 188 5.95 14.17 9.55
CA GLY C 188 7.14 14.20 10.41
C GLY C 188 6.89 14.01 11.91
N LEU C 189 5.79 13.37 12.27
CA LEU C 189 5.40 13.23 13.70
C LEU C 189 6.20 12.21 14.56
N PRO C 190 6.42 12.55 15.85
CA PRO C 190 7.01 11.65 16.84
C PRO C 190 6.36 10.29 16.78
N PRO C 191 7.16 9.24 16.48
CA PRO C 191 6.77 7.82 16.51
C PRO C 191 5.72 7.48 17.57
N LYS C 192 5.89 8.04 18.76
CA LYS C 192 5.07 7.67 19.89
C LYS C 192 3.77 8.45 20.08
N ILE C 193 3.43 9.38 19.17
CA ILE C 193 2.36 10.38 19.46
C ILE C 193 0.89 9.92 19.65
N VAL C 194 0.46 8.83 19.02
CA VAL C 194 -0.94 8.35 19.09
C VAL C 194 -1.89 9.35 18.38
N ILE C 195 -2.21 9.04 17.12
CA ILE C 195 -3.30 9.73 16.40
C ILE C 195 -4.42 8.73 16.19
N GLY C 196 -5.65 9.22 16.21
CA GLY C 196 -6.79 8.33 16.20
C GLY C 196 -7.68 8.50 15.00
N TYR C 197 -8.42 7.45 14.70
CA TYR C 197 -9.41 7.51 13.65
C TYR C 197 -10.74 7.23 14.31
N GLN C 198 -11.71 8.08 14.00
CA GLN C 198 -13.04 7.92 14.54
C GLN C 198 -13.99 7.82 13.36
N SER C 199 -14.94 6.90 13.45
CA SER C 199 -15.94 6.78 12.46
C SER C 199 -16.86 7.98 12.60
N HIS C 200 -17.46 8.42 11.50
CA HIS C 200 -18.33 9.59 11.53
C HIS C 200 -19.57 9.41 12.36
N ALA C 201 -20.12 8.21 12.37
CA ALA C 201 -21.15 7.90 13.37
C ALA C 201 -20.53 7.86 14.80
N ASP C 202 -19.62 8.80 15.11
CA ASP C 202 -19.19 9.08 16.48
C ASP C 202 -20.40 9.70 17.12
N THR C 203 -20.82 10.86 16.56
CA THR C 203 -22.24 11.27 16.52
C THR C 203 -22.47 12.43 15.55
N SER C 209 -15.99 8.42 30.28
CA SER C 209 -15.96 9.24 29.09
C SER C 209 -15.84 8.34 27.90
N THR C 210 -14.61 8.23 27.39
CA THR C 210 -14.07 7.07 26.60
C THR C 210 -13.82 7.32 25.10
N THR C 211 -12.53 7.38 24.75
CA THR C 211 -12.04 7.96 23.49
C THR C 211 -12.87 7.62 22.22
N LYS C 212 -12.99 6.32 21.92
CA LYS C 212 -13.64 5.82 20.67
C LYS C 212 -12.87 6.12 19.36
N ASN C 213 -11.56 6.02 19.48
CA ASN C 213 -10.66 5.74 18.38
C ASN C 213 -10.83 4.28 17.98
N ARG C 214 -11.27 4.06 16.74
CA ARG C 214 -11.37 2.73 16.12
C ARG C 214 -10.01 2.11 15.79
N PHE C 215 -9.09 2.97 15.38
CA PHE C 215 -7.72 2.61 15.05
C PHE C 215 -6.86 3.66 15.72
N VAL C 216 -5.64 3.29 16.08
CA VAL C 216 -4.62 4.28 16.36
C VAL C 216 -3.40 3.98 15.50
N VAL C 217 -2.55 4.98 15.31
CA VAL C 217 -1.25 4.77 14.71
C VAL C 217 -0.24 5.64 15.41
N ARG D 1 -2.05 4.72 -12.21
CA ARG D 1 -2.28 5.84 -11.27
C ARG D 1 -1.24 6.92 -11.48
N ILE D 2 -1.67 8.18 -11.36
CA ILE D 2 -0.78 9.34 -11.48
C ILE D 2 -0.37 9.78 -10.09
N ILE D 3 0.90 9.58 -9.77
CA ILE D 3 1.41 9.76 -8.42
C ILE D 3 2.46 10.87 -8.41
N TYR D 4 2.39 11.78 -7.44
CA TYR D 4 3.42 12.86 -7.32
C TYR D 4 4.08 12.91 -5.96
N ASP D 5 5.40 13.12 -5.95
CA ASP D 5 6.20 13.37 -4.73
C ASP D 5 6.02 14.81 -4.27
N ARG D 6 6.27 15.05 -2.99
CA ARG D 6 6.29 16.36 -2.38
C ARG D 6 7.21 17.35 -3.11
N LYS D 7 8.46 16.93 -3.39
CA LYS D 7 9.45 17.81 -4.05
C LYS D 7 8.99 18.21 -5.44
N PHE D 8 8.52 17.24 -6.23
CA PHE D 8 7.95 17.51 -7.53
C PHE D 8 6.73 18.49 -7.44
N LEU D 9 5.85 18.29 -6.46
CA LEU D 9 4.68 19.15 -6.30
C LEU D 9 5.10 20.57 -5.94
N MET D 10 6.04 20.67 -4.98
CA MET D 10 6.63 21.96 -4.64
C MET D 10 7.21 22.63 -5.84
N GLU D 11 8.05 21.93 -6.62
CA GLU D 11 8.70 22.52 -7.79
C GLU D 11 7.73 22.99 -8.91
N CYS D 12 6.57 22.35 -9.07
CA CYS D 12 5.56 22.81 -10.05
C CYS D 12 4.99 24.17 -9.72
N ARG D 13 5.11 24.60 -8.47
CA ARG D 13 4.65 25.94 -8.08
C ARG D 13 5.38 27.04 -8.86
N ASN D 14 6.67 26.83 -9.08
CA ASN D 14 7.53 27.78 -9.78
C ASN D 14 7.31 27.81 -11.29
CAK MGQ E . 18.46 -12.92 -3.34
CAI MGQ E . 17.85 -11.71 -3.00
CAH MGQ E . 17.78 -11.29 -1.67
CAJ MGQ E . 18.30 -12.09 -0.67
CAL MGQ E . 18.89 -13.32 -1.00
CAU MGQ E . 18.98 -13.73 -2.32
CAO MGQ E . 19.59 -15.09 -2.67
N7 MGQ E . 21.05 -15.11 -2.59
C8 MGQ E . 21.68 -15.44 -1.47
C5 MGQ E . 21.92 -14.89 -3.57
C6 MGQ E . 21.86 -14.55 -4.93
O6 MGQ E . 20.81 -14.35 -5.56
N1 MGQ E . 23.08 -14.38 -5.62
C2 MGQ E . 24.30 -14.59 -4.96
N2 MGQ E . 25.45 -14.44 -5.62
N3 MGQ E . 24.34 -14.92 -3.66
C4 MGQ E . 23.19 -15.06 -2.97
N9 MGQ E . 22.99 -15.40 -1.69
C1' MGQ E . 24.09 -15.67 -0.73
O4' MGQ E . 23.49 -16.26 0.43
C2' MGQ E . 24.67 -14.35 -0.26
O2' MGQ E . 26.00 -14.61 0.11
C3' MGQ E . 23.84 -14.08 1.00
O3' MGQ E . 24.51 -13.15 1.85
C4' MGQ E . 23.80 -15.48 1.58
C5' MGQ E . 22.58 -15.83 2.45
O5' MGQ E . 21.39 -15.40 1.78
PBE MGQ E . 19.91 -16.01 2.05
OP2 MGQ E . 19.63 -16.87 0.73
OP3 MGQ E . 20.11 -17.00 3.35
OP1 MGQ E . 18.79 -15.07 2.20
CAK MGQ F . -18.26 15.63 10.15
CAI MGQ F . -17.89 14.44 10.78
CAH MGQ F . -17.37 14.52 12.07
CAJ MGQ F . -17.23 15.77 12.71
CAL MGQ F . -17.61 16.95 12.07
CAU MGQ F . -18.14 16.86 10.79
CAO MGQ F . -18.57 18.12 10.05
N7 MGQ F . -19.90 18.63 10.44
C8 MGQ F . -20.12 19.52 11.41
C5 MGQ F . -21.07 18.30 9.85
C6 MGQ F . -21.46 17.45 8.80
O6 MGQ F . -20.66 16.77 8.15
N1 MGQ F . -22.83 17.40 8.48
C2 MGQ F . -23.76 18.18 9.21
N2 MGQ F . -25.04 18.13 8.94
N3 MGQ F . -23.36 18.98 10.21
C4 MGQ F . -22.05 19.05 10.53
N9 MGQ F . -21.45 19.77 11.47
C1' MGQ F . -22.21 20.69 12.39
O4' MGQ F . -21.45 21.78 13.00
C2' MGQ F . -22.80 19.92 13.56
O2' MGQ F . -23.96 20.60 13.99
C3' MGQ F . -21.70 20.04 14.58
O3' MGQ F . -22.20 19.82 15.89
C4' MGQ F . -21.33 21.52 14.42
C5' MGQ F . -19.87 21.71 14.80
O5' MGQ F . -19.04 21.09 13.85
PBE MGQ F . -17.46 21.01 14.03
OP2 MGQ F . -16.93 20.17 12.76
OP3 MGQ F . -16.94 22.50 13.80
OP1 MGQ F . -17.02 20.47 15.35
#